data_1EZW
#
_entry.id   1EZW
#
_cell.length_a   90.200
_cell.length_b   144.100
_cell.length_c   152.100
_cell.angle_alpha   90.00
_cell.angle_beta   90.00
_cell.angle_gamma   90.00
#
_symmetry.space_group_name_H-M   'F 2 2 2'
#
loop_
_entity.id
_entity.type
_entity.pdbx_description
1 polymer 'COENZYME F420-DEPENDENT N5,N10-METHYLENETETRAHYDROMETHANOPTERIN REDUCTASE'
2 non-polymer 'MAGNESIUM ION'
3 non-polymer 'CHLORIDE ION'
4 water water
#
_entity_poly.entity_id   1
_entity_poly.type   'polypeptide(L)'
_entity_poly.pdbx_seq_one_letter_code
;MAEVSFGIELLPDDKPTKIAHLIKVAEDNGFEYAWICDHYNNYSYMGVLTLAAVITSKIKLGPGITNPYTRHPLITASNI
ATLDWISGGRAIIGMGPGDKATFDKMGLPFPCKIPIWNPEAEDEVGPATAIREVKEVIYQYLEGGPVEYEGKYVKTGTAD
VKARSIQGSDIPFYMGAQGPIMLKTAGEIANGVLVNASNPKDFEVAVPKIEEGAKEAGRSLDEIDVAAYTCFSIDKDEDK
AIEATKIVVAFIVMGSPDVVLERHGIDTEKAEQIAEAIGKGDFGTAIGLVDEDMIEAFSIAGDPDTVVDKIEELLKAGVT
QVVVGSPIGPDKEKAIELVGQEVIPHFKE
;
_entity_poly.pdbx_strand_id   A
#
loop_
_chem_comp.id
_chem_comp.type
_chem_comp.name
_chem_comp.formula
CL non-polymer 'CHLORIDE ION' 'Cl -1'
MG non-polymer 'MAGNESIUM ION' 'Mg 2'
#
# COMPACT_ATOMS: atom_id res chain seq x y z
N ALA A 2 1.86 -14.24 11.28
CA ALA A 2 0.97 -13.04 11.43
C ALA A 2 -0.50 -13.48 11.33
N GLU A 3 -1.36 -12.94 12.20
CA GLU A 3 -2.79 -13.27 12.18
C GLU A 3 -3.51 -12.63 10.99
N VAL A 4 -4.63 -13.19 10.59
CA VAL A 4 -5.39 -12.66 9.46
C VAL A 4 -6.11 -11.36 9.86
N SER A 5 -6.03 -10.35 8.99
CA SER A 5 -6.67 -9.04 9.26
C SER A 5 -7.17 -8.44 7.97
N PHE A 6 -8.02 -7.40 8.10
CA PHE A 6 -8.55 -6.70 6.95
C PHE A 6 -8.15 -5.22 7.02
N GLY A 7 -7.72 -4.69 5.90
CA GLY A 7 -7.35 -3.28 5.83
C GLY A 7 -8.21 -2.63 4.75
N ILE A 8 -8.17 -1.30 4.72
CA ILE A 8 -8.90 -0.57 3.70
C ILE A 8 -7.93 0.48 3.18
N GLU A 9 -7.93 0.68 1.86
CA GLU A 9 -7.03 1.66 1.25
C GLU A 9 -7.91 2.60 0.48
N LEU A 10 -7.79 3.89 0.80
CA LEU A 10 -8.60 4.92 0.15
C LEU A 10 -7.70 5.96 -0.47
N LEU A 11 -8.02 6.32 -1.72
CA LEU A 11 -7.29 7.37 -2.43
C LEU A 11 -7.97 8.64 -1.87
N PRO A 12 -7.18 9.59 -1.39
CA PRO A 12 -7.85 10.76 -0.86
C PRO A 12 -8.18 11.84 -1.89
N ASP A 13 -8.91 11.48 -2.94
CA ASP A 13 -9.27 12.52 -3.90
C ASP A 13 -10.64 13.11 -3.52
N ASP A 14 -11.39 12.36 -2.73
CA ASP A 14 -12.74 12.75 -2.33
C ASP A 14 -12.62 13.70 -1.14
N LYS A 15 -13.77 14.22 -0.72
CA LYS A 15 -13.78 15.12 0.44
C LYS A 15 -13.11 14.49 1.68
N PRO A 16 -12.19 15.22 2.34
CA PRO A 16 -11.54 14.64 3.51
C PRO A 16 -12.48 14.07 4.57
N THR A 17 -13.60 14.75 4.81
CA THR A 17 -14.58 14.27 5.78
C THR A 17 -15.25 12.97 5.30
N LYS A 18 -15.37 12.75 3.98
CA LYS A 18 -15.97 11.50 3.51
C LYS A 18 -14.95 10.37 3.71
N ILE A 19 -13.69 10.66 3.41
CA ILE A 19 -12.64 9.67 3.58
C ILE A 19 -12.58 9.31 5.08
N ALA A 20 -12.59 10.31 5.98
CA ALA A 20 -12.59 10.02 7.42
C ALA A 20 -13.80 9.20 7.84
N HIS A 21 -15.01 9.57 7.36
CA HIS A 21 -16.22 8.83 7.65
C HIS A 21 -16.09 7.35 7.21
N LEU A 22 -15.55 7.11 6.01
CA LEU A 22 -15.44 5.71 5.53
C LEU A 22 -14.48 4.92 6.38
N ILE A 23 -13.45 5.60 6.86
CA ILE A 23 -12.51 4.88 7.75
C ILE A 23 -13.20 4.53 9.07
N LYS A 24 -14.04 5.43 9.60
CA LYS A 24 -14.80 5.09 10.81
C LYS A 24 -15.74 3.89 10.51
N VAL A 25 -16.42 3.87 9.36
CA VAL A 25 -17.29 2.75 9.02
C VAL A 25 -16.47 1.46 8.96
N ALA A 26 -15.30 1.54 8.36
CA ALA A 26 -14.41 0.34 8.35
C ALA A 26 -14.04 -0.11 9.77
N GLU A 27 -13.64 0.82 10.63
CA GLU A 27 -13.33 0.46 12.01
C GLU A 27 -14.53 -0.21 12.68
N ASP A 28 -15.72 0.37 12.49
CA ASP A 28 -16.92 -0.15 13.14
C ASP A 28 -17.22 -1.57 12.66
N ASN A 29 -16.75 -1.87 11.47
CA ASN A 29 -16.97 -3.17 10.85
C ASN A 29 -15.83 -4.19 10.99
N GLY A 30 -14.90 -3.89 11.86
CA GLY A 30 -13.83 -4.85 12.10
C GLY A 30 -12.55 -4.75 11.32
N PHE A 31 -12.43 -3.73 10.47
CA PHE A 31 -11.15 -3.55 9.76
C PHE A 31 -10.11 -3.05 10.79
N GLU A 32 -8.87 -3.54 10.68
N GLU A 32 -8.88 -3.56 10.66
CA GLU A 32 -7.83 -3.15 11.63
CA GLU A 32 -7.80 -3.25 11.56
C GLU A 32 -6.76 -2.21 11.07
C GLU A 32 -6.84 -2.19 11.07
N TYR A 33 -6.76 -2.02 9.76
CA TYR A 33 -5.81 -1.10 9.14
C TYR A 33 -6.46 -0.18 8.15
N ALA A 34 -6.02 1.09 8.11
CA ALA A 34 -6.54 2.02 7.10
C ALA A 34 -5.30 2.72 6.50
N TRP A 35 -5.18 2.61 5.19
CA TRP A 35 -4.06 3.13 4.44
C TRP A 35 -4.50 4.23 3.52
N ILE A 36 -3.79 5.35 3.55
CA ILE A 36 -4.15 6.48 2.70
C ILE A 36 -2.96 6.77 1.78
N CYS A 37 -3.21 6.76 0.48
N CYS A 37 -3.23 6.78 0.48
CA CYS A 37 -2.16 6.98 -0.51
CA CYS A 37 -2.20 7.00 -0.53
C CYS A 37 -1.54 8.37 -0.41
C CYS A 37 -1.54 8.37 -0.40
N ASP A 38 -0.29 8.49 -0.86
CA ASP A 38 0.42 9.75 -0.81
C ASP A 38 0.80 10.26 -2.18
N HIS A 39 -0.09 11.05 -2.81
N HIS A 39 -0.06 11.08 -2.78
CA HIS A 39 0.17 11.62 -4.15
CA HIS A 39 0.23 11.67 -4.07
C HIS A 39 -0.13 13.11 -4.06
C HIS A 39 -0.06 13.14 -3.96
N TYR A 40 0.79 13.95 -4.56
CA TYR A 40 0.64 15.41 -4.44
C TYR A 40 -0.67 15.92 -5.05
N ASN A 41 -1.23 15.18 -6.02
CA ASN A 41 -2.42 15.70 -6.66
C ASN A 41 -3.69 15.57 -5.83
N ASN A 42 -3.61 14.80 -4.77
CA ASN A 42 -4.79 14.57 -3.93
C ASN A 42 -4.60 15.30 -2.61
N TYR A 43 -5.56 15.14 -1.69
CA TYR A 43 -5.40 15.79 -0.39
C TYR A 43 -4.21 15.10 0.32
N SER A 44 -3.53 15.83 1.17
N SER A 44 -3.59 15.84 1.22
CA SER A 44 -2.32 15.30 1.78
CA SER A 44 -2.41 15.41 1.98
C SER A 44 -2.62 14.26 2.81
C SER A 44 -2.66 14.24 2.89
N TYR A 45 -1.77 13.25 2.86
CA TYR A 45 -2.00 12.13 3.77
C TYR A 45 -1.99 12.59 5.22
N MET A 46 -1.14 13.56 5.59
CA MET A 46 -1.10 14.03 6.96
C MET A 46 -2.40 14.74 7.32
N GLY A 47 -2.95 15.53 6.43
CA GLY A 47 -4.21 16.20 6.77
C GLY A 47 -5.36 15.22 6.90
N VAL A 48 -5.50 14.33 5.90
CA VAL A 48 -6.56 13.36 5.88
C VAL A 48 -6.42 12.36 7.05
N LEU A 49 -5.20 11.85 7.29
CA LEU A 49 -5.07 10.90 8.41
C LEU A 49 -5.22 11.54 9.79
N THR A 50 -4.85 12.81 9.94
CA THR A 50 -5.05 13.47 11.21
C THR A 50 -6.56 13.64 11.44
N LEU A 51 -7.28 14.01 10.39
CA LEU A 51 -8.74 14.15 10.52
C LEU A 51 -9.32 12.75 10.82
N ALA A 52 -8.85 11.72 10.12
CA ALA A 52 -9.38 10.37 10.41
C ALA A 52 -9.04 9.96 11.83
N ALA A 53 -7.87 10.34 12.31
CA ALA A 53 -7.45 9.99 13.68
C ALA A 53 -8.41 10.55 14.72
N VAL A 54 -8.91 11.74 14.46
CA VAL A 54 -9.84 12.43 15.35
C VAL A 54 -11.23 11.76 15.40
N ILE A 55 -11.61 11.18 14.27
N ILE A 55 -11.73 11.19 14.32
CA ILE A 55 -12.91 10.53 14.07
CA ILE A 55 -13.04 10.58 14.47
C ILE A 55 -12.96 9.02 14.32
C ILE A 55 -13.03 9.07 14.68
N THR A 56 -11.84 8.46 14.75
CA THR A 56 -11.74 7.01 14.98
C THR A 56 -11.01 6.77 16.27
N SER A 57 -11.02 5.54 16.76
CA SER A 57 -10.33 5.19 18.01
C SER A 57 -9.54 3.91 18.08
N LYS A 58 -9.73 3.03 17.11
CA LYS A 58 -9.08 1.70 17.17
C LYS A 58 -8.29 1.31 15.93
N ILE A 59 -8.80 1.72 14.77
CA ILE A 59 -8.13 1.29 13.55
C ILE A 59 -6.73 1.90 13.41
N LYS A 60 -5.78 1.11 12.90
CA LYS A 60 -4.43 1.63 12.67
C LYS A 60 -4.49 2.47 11.41
N LEU A 61 -3.70 3.56 11.42
N LEU A 61 -3.65 3.47 11.30
CA LEU A 61 -3.69 4.63 10.40
CA LEU A 61 -3.75 4.28 10.11
C LEU A 61 -2.32 4.97 9.84
C LEU A 61 -2.42 4.89 9.81
N GLY A 62 -2.16 5.04 8.52
CA GLY A 62 -0.87 5.55 8.05
C GLY A 62 -0.83 5.68 6.58
N PRO A 63 0.27 6.28 6.09
CA PRO A 63 0.42 6.47 4.66
C PRO A 63 0.64 5.12 3.98
N GLY A 64 -0.06 4.88 2.87
CA GLY A 64 0.08 3.63 2.12
C GLY A 64 -0.02 3.96 0.65
N ILE A 65 1.10 4.33 0.02
CA ILE A 65 2.42 4.38 0.65
C ILE A 65 3.13 5.68 0.36
N THR A 66 4.06 6.05 1.22
CA THR A 66 4.77 7.28 0.95
C THR A 66 6.11 6.90 0.36
N ASN A 67 7.07 7.82 0.29
CA ASN A 67 8.35 7.48 -0.38
C ASN A 67 9.49 8.29 0.21
N PRO A 68 10.73 7.91 -0.12
CA PRO A 68 11.92 8.63 0.41
C PRO A 68 12.26 9.97 -0.21
N TYR A 69 11.61 10.30 -1.32
CA TYR A 69 12.03 11.43 -2.14
C TYR A 69 11.36 12.77 -2.07
N THR A 70 10.04 12.77 -1.99
CA THR A 70 9.35 14.05 -2.03
C THR A 70 9.39 14.84 -0.73
N ARG A 71 9.88 14.22 0.36
CA ARG A 71 10.02 14.93 1.64
C ARG A 71 11.28 14.38 2.26
N HIS A 72 12.00 15.20 3.03
CA HIS A 72 13.19 14.73 3.71
C HIS A 72 12.75 13.62 4.69
N PRO A 73 13.55 12.56 4.84
CA PRO A 73 13.13 11.53 5.77
C PRO A 73 12.89 11.98 7.20
N LEU A 74 13.52 13.08 7.64
CA LEU A 74 13.30 13.56 9.00
C LEU A 74 11.90 14.19 9.06
N ILE A 75 11.44 14.75 7.94
CA ILE A 75 10.07 15.30 7.89
C ILE A 75 9.07 14.12 7.92
N THR A 76 9.34 13.07 7.15
CA THR A 76 8.45 11.90 7.20
C THR A 76 8.44 11.35 8.64
N ALA A 77 9.61 11.24 9.30
CA ALA A 77 9.65 10.75 10.68
C ALA A 77 8.73 11.61 11.59
N SER A 78 8.91 12.92 11.51
CA SER A 78 8.08 13.83 12.29
C SER A 78 6.59 13.58 12.02
N ASN A 79 6.19 13.46 10.72
CA ASN A 79 4.78 13.19 10.38
C ASN A 79 4.29 11.94 11.09
N ILE A 80 5.07 10.85 10.99
CA ILE A 80 4.66 9.60 11.63
C ILE A 80 4.57 9.72 13.14
N ALA A 81 5.55 10.36 13.79
CA ALA A 81 5.47 10.51 15.21
C ALA A 81 4.24 11.35 15.62
N THR A 82 3.91 12.34 14.79
CA THR A 82 2.79 13.26 15.10
C THR A 82 1.46 12.51 14.97
N LEU A 83 1.30 11.81 13.84
CA LEU A 83 0.09 11.00 13.63
C LEU A 83 -0.01 9.98 14.76
N ASP A 84 1.10 9.35 15.15
CA ASP A 84 1.02 8.37 16.25
C ASP A 84 0.55 8.99 17.56
N TRP A 85 1.10 10.15 17.90
CA TRP A 85 0.74 10.79 19.13
C TRP A 85 -0.75 11.20 19.11
N ILE A 86 -1.16 11.91 18.07
CA ILE A 86 -2.56 12.34 17.98
C ILE A 86 -3.56 11.18 18.00
N SER A 87 -3.20 10.05 17.37
CA SER A 87 -4.08 8.89 17.30
C SER A 87 -4.01 8.00 18.54
N GLY A 88 -3.20 8.35 19.54
CA GLY A 88 -3.14 7.50 20.74
C GLY A 88 -2.40 6.18 20.50
N GLY A 89 -1.43 6.24 19.58
CA GLY A 89 -0.56 5.10 19.30
C GLY A 89 -1.05 4.11 18.28
N ARG A 90 -1.63 4.65 17.20
CA ARG A 90 -2.19 3.84 16.12
C ARG A 90 -1.53 3.99 14.75
N ALA A 91 -0.41 4.70 14.69
CA ALA A 91 0.23 4.89 13.41
C ALA A 91 0.89 3.65 12.84
N ILE A 92 0.93 3.62 11.53
CA ILE A 92 1.64 2.57 10.77
C ILE A 92 2.36 3.30 9.64
N ILE A 93 3.45 2.70 9.13
CA ILE A 93 4.17 3.34 8.03
C ILE A 93 4.10 2.43 6.79
N GLY A 94 3.74 2.99 5.63
CA GLY A 94 3.76 2.30 4.35
C GLY A 94 4.83 3.03 3.54
N MET A 95 5.93 2.38 3.14
CA MET A 95 7.00 3.09 2.44
C MET A 95 7.31 2.37 1.13
N GLY A 96 7.36 3.10 0.04
CA GLY A 96 7.70 2.52 -1.26
C GLY A 96 8.68 3.41 -1.98
N PRO A 97 9.01 3.08 -3.22
CA PRO A 97 9.96 3.85 -4.04
C PRO A 97 9.43 4.98 -4.87
N GLY A 98 8.19 5.38 -4.65
CA GLY A 98 7.59 6.40 -5.50
C GLY A 98 6.81 5.64 -6.57
N ASP A 99 6.22 6.33 -7.54
CA ASP A 99 5.48 5.66 -8.60
C ASP A 99 5.67 6.48 -9.86
N LYS A 100 5.80 5.77 -10.99
CA LYS A 100 6.04 6.44 -12.24
C LYS A 100 5.06 7.52 -12.67
N ALA A 101 3.76 7.21 -12.64
CA ALA A 101 2.77 8.18 -13.12
C ALA A 101 2.86 9.47 -12.33
N THR A 102 2.99 9.34 -11.01
CA THR A 102 3.05 10.54 -10.18
C THR A 102 4.39 11.27 -10.28
N PHE A 103 5.51 10.53 -10.23
CA PHE A 103 6.80 11.19 -10.36
C PHE A 103 6.97 11.88 -11.70
N ASP A 104 6.48 11.28 -12.80
CA ASP A 104 6.59 11.98 -14.07
C ASP A 104 5.87 13.35 -14.01
N LYS A 105 4.69 13.35 -13.40
CA LYS A 105 3.92 14.59 -13.29
C LYS A 105 4.69 15.59 -12.45
N MET A 106 5.33 15.14 -11.38
CA MET A 106 6.07 16.05 -10.50
C MET A 106 7.35 16.58 -11.11
N GLY A 107 7.91 15.83 -12.05
CA GLY A 107 9.16 16.22 -12.69
C GLY A 107 10.33 15.44 -12.13
N LEU A 108 10.08 14.44 -11.31
CA LEU A 108 11.14 13.65 -10.72
C LEU A 108 11.36 12.41 -11.58
N PRO A 109 12.61 11.96 -11.68
CA PRO A 109 12.84 10.77 -12.50
C PRO A 109 12.27 9.53 -11.81
N PHE A 110 11.96 8.50 -12.60
CA PHE A 110 11.46 7.28 -12.00
C PHE A 110 11.92 6.09 -12.82
N PRO A 111 12.59 5.11 -12.20
N PRO A 111 12.59 5.10 -12.20
CA PRO A 111 12.99 5.11 -10.79
CA PRO A 111 12.96 5.10 -10.78
C PRO A 111 13.79 6.34 -10.42
C PRO A 111 13.81 6.31 -10.41
N CYS A 112 13.65 6.77 -9.17
CA CYS A 112 14.38 7.94 -8.71
C CYS A 112 15.64 7.46 -7.99
N LYS A 113 16.81 7.74 -8.60
CA LYS A 113 18.06 7.31 -8.01
C LYS A 113 18.92 8.44 -7.50
N ILE A 114 18.33 9.64 -7.44
CA ILE A 114 19.04 10.82 -6.96
C ILE A 114 19.34 10.73 -5.46
N PRO A 115 20.60 10.97 -5.04
CA PRO A 115 20.93 10.93 -3.60
C PRO A 115 20.47 12.31 -3.11
N ILE A 116 19.17 12.56 -3.23
N ILE A 116 19.17 12.55 -3.24
CA ILE A 116 18.57 13.86 -2.90
CA ILE A 116 18.59 13.85 -2.95
C ILE A 116 18.96 14.47 -1.58
C ILE A 116 18.86 14.47 -1.58
N TRP A 117 19.02 13.67 -0.53
CA TRP A 117 19.29 14.19 0.80
C TRP A 117 20.71 14.05 1.33
N ASN A 118 21.65 13.83 0.40
CA ASN A 118 23.07 13.79 0.78
C ASN A 118 23.69 14.77 -0.25
N PRO A 119 23.67 16.08 0.05
CA PRO A 119 24.18 17.15 -0.79
C PRO A 119 25.59 17.00 -1.31
N GLU A 120 26.44 16.32 -0.57
CA GLU A 120 27.80 16.16 -1.09
C GLU A 120 27.98 14.96 -1.99
N ALA A 121 26.97 14.11 -2.07
CA ALA A 121 27.07 12.92 -2.92
C ALA A 121 26.50 13.22 -4.30
N GLU A 122 26.94 12.46 -5.30
CA GLU A 122 26.40 12.67 -6.62
C GLU A 122 26.02 11.33 -7.22
N ASP A 123 26.61 10.26 -6.69
CA ASP A 123 26.35 8.92 -7.18
C ASP A 123 24.90 8.44 -7.00
N GLU A 124 24.38 7.79 -8.04
CA GLU A 124 23.03 7.22 -8.00
C GLU A 124 22.91 6.20 -6.87
N VAL A 125 21.71 6.07 -6.33
CA VAL A 125 21.47 5.16 -5.22
C VAL A 125 20.26 4.32 -5.58
N GLY A 126 20.34 3.01 -5.35
CA GLY A 126 19.21 2.17 -5.66
C GLY A 126 18.04 2.47 -4.70
N PRO A 127 16.81 2.42 -5.20
CA PRO A 127 15.60 2.68 -4.40
C PRO A 127 15.53 1.78 -3.16
N ALA A 128 15.95 0.52 -3.26
CA ALA A 128 15.89 -0.32 -2.09
C ALA A 128 16.86 0.20 -1.00
N THR A 129 18.00 0.72 -1.44
CA THR A 129 18.96 1.29 -0.49
C THR A 129 18.36 2.57 0.11
N ALA A 130 17.76 3.42 -0.72
CA ALA A 130 17.12 4.64 -0.20
C ALA A 130 16.07 4.26 0.87
N ILE A 131 15.28 3.23 0.63
CA ILE A 131 14.27 2.80 1.60
C ILE A 131 14.92 2.29 2.88
N ARG A 132 16.02 1.52 2.77
CA ARG A 132 16.70 1.08 3.99
C ARG A 132 17.15 2.30 4.81
N GLU A 133 17.67 3.31 4.14
CA GLU A 133 18.20 4.49 4.83
C GLU A 133 17.08 5.29 5.46
N VAL A 134 15.99 5.47 4.73
CA VAL A 134 14.87 6.21 5.32
C VAL A 134 14.39 5.46 6.55
N LYS A 135 14.34 4.12 6.47
CA LYS A 135 13.91 3.38 7.64
C LYS A 135 14.83 3.66 8.84
N GLU A 136 16.15 3.61 8.65
N GLU A 136 16.14 3.63 8.60
CA GLU A 136 17.05 3.89 9.77
CA GLU A 136 17.11 3.90 9.66
C GLU A 136 16.82 5.29 10.35
C GLU A 136 16.80 5.25 10.32
N VAL A 137 16.63 6.28 9.50
CA VAL A 137 16.40 7.62 9.99
C VAL A 137 15.10 7.71 10.80
N ILE A 138 14.04 7.12 10.25
CA ILE A 138 12.78 7.16 10.99
C ILE A 138 12.85 6.52 12.35
N TYR A 139 13.46 5.33 12.45
CA TYR A 139 13.48 4.68 13.75
C TYR A 139 14.45 5.33 14.73
N GLN A 140 15.54 5.92 14.23
CA GLN A 140 16.39 6.69 15.15
C GLN A 140 15.55 7.85 15.72
N TYR A 141 14.72 8.47 14.89
CA TYR A 141 13.87 9.58 15.30
C TYR A 141 12.84 9.10 16.35
N LEU A 142 12.20 7.98 16.07
CA LEU A 142 11.20 7.41 16.99
C LEU A 142 11.82 6.93 18.30
N GLU A 143 13.12 6.61 18.31
CA GLU A 143 13.79 6.22 19.55
C GLU A 143 14.15 7.46 20.37
N GLY A 144 13.91 8.65 19.80
CA GLY A 144 14.19 9.90 20.51
C GLY A 144 15.45 10.66 20.07
N GLY A 145 16.17 10.08 19.13
CA GLY A 145 17.37 10.71 18.60
C GLY A 145 18.46 10.83 19.64
N PRO A 146 19.46 11.67 19.36
CA PRO A 146 19.57 12.44 18.14
C PRO A 146 19.78 11.52 16.93
N VAL A 147 19.23 11.90 15.80
CA VAL A 147 19.45 11.10 14.62
C VAL A 147 20.83 11.49 14.06
N GLU A 148 21.67 10.50 13.80
CA GLU A 148 22.99 10.73 13.22
C GLU A 148 23.14 9.62 12.25
N TYR A 149 23.07 9.97 10.98
CA TYR A 149 23.16 8.94 9.96
C TYR A 149 23.80 9.43 8.69
N GLU A 150 24.79 8.68 8.21
CA GLU A 150 25.45 9.05 6.99
C GLU A 150 25.33 7.90 6.00
N GLY A 151 24.44 8.02 5.04
CA GLY A 151 24.28 6.95 4.08
C GLY A 151 24.60 7.49 2.70
N LYS A 152 24.20 6.76 1.67
CA LYS A 152 24.41 7.18 0.29
C LYS A 152 23.33 8.12 -0.20
N TYR A 153 22.11 7.99 0.35
N TYR A 153 22.14 7.95 0.38
CA TYR A 153 20.99 8.82 -0.11
CA TYR A 153 20.97 8.70 -0.02
C TYR A 153 20.66 9.94 0.89
C TYR A 153 20.66 9.89 0.88
N VAL A 154 20.97 9.75 2.16
CA VAL A 154 20.73 10.80 3.13
C VAL A 154 21.89 10.86 4.09
N LYS A 155 22.34 12.08 4.37
CA LYS A 155 23.39 12.30 5.35
C LYS A 155 22.86 13.42 6.25
N THR A 156 22.70 13.13 7.52
CA THR A 156 22.20 14.15 8.44
C THR A 156 23.34 14.75 9.23
N GLY A 157 23.04 15.82 9.96
CA GLY A 157 23.98 16.40 10.90
C GLY A 157 23.57 15.72 12.21
N THR A 158 23.76 16.37 13.35
CA THR A 158 23.33 15.77 14.62
C THR A 158 21.95 16.34 14.84
N ALA A 159 20.94 15.54 14.48
CA ALA A 159 19.57 16.04 14.52
C ALA A 159 18.79 15.65 15.77
N ASP A 160 18.73 16.56 16.74
CA ASP A 160 18.03 16.28 17.95
C ASP A 160 16.54 16.20 17.63
N VAL A 161 15.81 15.55 18.52
CA VAL A 161 14.39 15.31 18.34
C VAL A 161 13.62 15.63 19.60
N LYS A 162 12.60 16.47 19.49
N LYS A 162 12.61 16.48 19.45
CA LYS A 162 11.80 16.75 20.66
CA LYS A 162 11.78 16.90 20.57
C LYS A 162 10.50 15.97 20.60
C LYS A 162 10.42 16.18 20.61
N ALA A 163 9.87 15.94 19.42
CA ALA A 163 8.57 15.25 19.29
C ALA A 163 8.66 13.81 19.74
N ARG A 164 7.66 13.38 20.48
CA ARG A 164 7.62 11.99 20.88
C ARG A 164 6.34 11.32 20.38
N SER A 165 6.49 10.08 19.94
CA SER A 165 5.35 9.28 19.51
C SER A 165 4.86 8.53 20.75
N ILE A 166 3.92 7.62 20.59
CA ILE A 166 3.46 6.81 21.72
C ILE A 166 4.02 5.40 21.60
N GLN A 167 3.97 4.83 20.39
CA GLN A 167 4.50 3.46 20.22
C GLN A 167 6.02 3.44 20.07
N GLY A 168 6.64 4.59 19.84
CA GLY A 168 8.10 4.58 19.61
C GLY A 168 8.49 3.61 18.48
N SER A 169 9.54 2.83 18.66
CA SER A 169 9.93 1.92 17.59
C SER A 169 8.97 0.74 17.35
N ASP A 170 7.90 0.63 18.16
CA ASP A 170 6.90 -0.43 17.94
C ASP A 170 6.00 -0.07 16.74
N ILE A 171 6.11 1.15 16.21
CA ILE A 171 5.32 1.48 15.01
C ILE A 171 5.73 0.53 13.91
N PRO A 172 4.75 -0.15 13.27
CA PRO A 172 5.09 -1.10 12.19
C PRO A 172 5.57 -0.44 10.93
N PHE A 173 6.56 -1.08 10.30
CA PHE A 173 7.11 -0.59 9.07
C PHE A 173 6.73 -1.52 7.93
N TYR A 174 5.87 -1.06 7.04
CA TYR A 174 5.49 -1.88 5.88
C TYR A 174 6.14 -1.34 4.63
N MET A 175 6.65 -2.21 3.77
CA MET A 175 7.24 -1.77 2.54
C MET A 175 6.45 -2.16 1.31
N GLY A 176 6.28 -1.24 0.38
CA GLY A 176 5.63 -1.60 -0.85
C GLY A 176 6.65 -2.44 -1.64
N ALA A 177 6.20 -3.48 -2.33
CA ALA A 177 7.17 -4.30 -3.09
C ALA A 177 6.49 -4.99 -4.23
N GLN A 178 7.13 -4.95 -5.40
CA GLN A 178 6.57 -5.64 -6.55
C GLN A 178 7.62 -6.61 -7.10
N GLY A 179 8.82 -6.11 -7.33
CA GLY A 179 9.88 -6.94 -7.91
C GLY A 179 10.66 -7.74 -6.88
N PRO A 180 11.56 -8.62 -7.36
CA PRO A 180 12.39 -9.46 -6.49
C PRO A 180 13.28 -8.74 -5.50
N ILE A 181 13.89 -7.63 -5.92
CA ILE A 181 14.77 -6.90 -5.01
C ILE A 181 13.98 -6.27 -3.87
N MET A 182 12.88 -5.62 -4.18
CA MET A 182 12.08 -5.00 -3.11
C MET A 182 11.45 -6.04 -2.21
N LEU A 183 10.99 -7.16 -2.78
CA LEU A 183 10.39 -8.21 -1.97
C LEU A 183 11.40 -8.80 -1.01
N LYS A 184 12.61 -9.05 -1.49
CA LYS A 184 13.62 -9.61 -0.62
C LYS A 184 14.01 -8.61 0.50
N THR A 185 14.16 -7.34 0.12
CA THR A 185 14.50 -6.31 1.10
C THR A 185 13.42 -6.20 2.18
N ALA A 186 12.17 -6.27 1.76
CA ALA A 186 11.06 -6.18 2.71
C ALA A 186 11.09 -7.37 3.67
N GLY A 187 11.41 -8.57 3.18
CA GLY A 187 11.46 -9.71 4.09
C GLY A 187 12.59 -9.53 5.09
N GLU A 188 13.61 -8.80 4.70
CA GLU A 188 14.73 -8.60 5.59
C GLU A 188 14.52 -7.51 6.63
N ILE A 189 13.88 -6.41 6.22
CA ILE A 189 13.79 -5.28 7.13
C ILE A 189 12.39 -4.80 7.53
N ALA A 190 11.36 -5.37 6.94
CA ALA A 190 10.02 -4.86 7.26
C ALA A 190 9.14 -5.71 8.15
N ASN A 191 8.17 -5.07 8.83
CA ASN A 191 7.19 -5.81 9.62
C ASN A 191 6.10 -6.36 8.69
N GLY A 192 6.00 -5.76 7.51
CA GLY A 192 5.01 -6.18 6.55
C GLY A 192 5.34 -5.76 5.14
N VAL A 193 4.63 -6.34 4.17
CA VAL A 193 4.85 -6.03 2.78
C VAL A 193 3.53 -5.72 2.10
N LEU A 194 3.47 -4.62 1.38
CA LEU A 194 2.27 -4.23 0.65
C LEU A 194 2.50 -4.58 -0.79
N VAL A 195 1.80 -5.63 -1.24
CA VAL A 195 1.93 -6.09 -2.62
C VAL A 195 0.68 -5.74 -3.41
N ASN A 196 0.85 -4.98 -4.48
CA ASN A 196 -0.25 -4.60 -5.34
C ASN A 196 -0.59 -5.82 -6.20
N ALA A 197 -1.50 -6.64 -5.68
CA ALA A 197 -1.96 -7.84 -6.42
C ALA A 197 -3.20 -8.37 -5.74
N SER A 198 -4.01 -9.11 -6.50
CA SER A 198 -5.25 -9.64 -5.97
C SER A 198 -5.48 -11.15 -6.20
N ASN A 199 -4.46 -11.83 -6.71
CA ASN A 199 -4.64 -13.25 -7.08
C ASN A 199 -3.59 -14.16 -6.44
N PRO A 200 -3.98 -15.40 -6.06
CA PRO A 200 -3.04 -16.34 -5.44
C PRO A 200 -1.74 -16.54 -6.21
N LYS A 201 -1.79 -16.52 -7.54
CA LYS A 201 -0.58 -16.73 -8.34
C LYS A 201 0.49 -15.67 -8.12
N ASP A 202 0.04 -14.44 -7.83
CA ASP A 202 0.99 -13.38 -7.60
C ASP A 202 1.74 -13.65 -6.31
N PHE A 203 1.03 -14.17 -5.32
CA PHE A 203 1.66 -14.44 -4.04
C PHE A 203 2.48 -15.72 -4.02
N GLU A 204 2.17 -16.64 -4.92
CA GLU A 204 2.96 -17.87 -4.98
C GLU A 204 4.35 -17.49 -5.49
N VAL A 205 4.42 -16.41 -6.24
CA VAL A 205 5.68 -15.90 -6.76
C VAL A 205 6.33 -14.98 -5.73
N ALA A 206 5.55 -14.08 -5.16
CA ALA A 206 6.12 -13.12 -4.21
C ALA A 206 6.54 -13.62 -2.86
N VAL A 207 5.74 -14.50 -2.23
CA VAL A 207 6.04 -14.95 -0.89
C VAL A 207 7.39 -15.64 -0.72
N PRO A 208 7.76 -16.56 -1.63
CA PRO A 208 9.07 -17.20 -1.48
C PRO A 208 10.23 -16.17 -1.46
N LYS A 209 10.08 -15.09 -2.20
N LYS A 209 10.07 -15.09 -2.22
CA LYS A 209 11.13 -14.08 -2.21
CA LYS A 209 11.09 -14.04 -2.26
C LYS A 209 11.15 -13.28 -0.92
C LYS A 209 11.15 -13.33 -0.91
N ILE A 210 9.97 -12.99 -0.36
CA ILE A 210 9.92 -12.31 0.91
C ILE A 210 10.57 -13.27 1.93
N GLU A 211 10.23 -14.55 1.83
CA GLU A 211 10.76 -15.51 2.79
C GLU A 211 12.29 -15.62 2.69
N GLU A 212 12.82 -15.50 1.49
CA GLU A 212 14.28 -15.56 1.30
C GLU A 212 14.98 -14.43 2.06
N GLY A 213 14.40 -13.23 1.98
CA GLY A 213 14.98 -12.12 2.71
C GLY A 213 14.85 -12.30 4.21
N ALA A 214 13.70 -12.81 4.66
CA ALA A 214 13.50 -13.02 6.07
C ALA A 214 14.56 -13.97 6.63
N LYS A 215 14.81 -15.06 5.92
CA LYS A 215 15.81 -16.05 6.35
C LYS A 215 17.18 -15.46 6.47
N GLU A 216 17.55 -14.60 5.53
CA GLU A 216 18.85 -13.95 5.60
C GLU A 216 18.96 -13.02 6.80
N ALA A 217 17.82 -12.61 7.37
CA ALA A 217 17.85 -11.74 8.53
C ALA A 217 17.55 -12.56 9.79
N GLY A 218 17.51 -13.88 9.67
CA GLY A 218 17.23 -14.72 10.82
C GLY A 218 15.79 -14.63 11.28
N ARG A 219 14.89 -14.27 10.37
CA ARG A 219 13.48 -14.11 10.71
C ARG A 219 12.65 -15.22 10.10
N SER A 220 11.51 -15.48 10.74
N SER A 220 11.52 -15.50 10.75
CA SER A 220 10.59 -16.46 10.24
CA SER A 220 10.59 -16.52 10.26
C SER A 220 9.60 -15.70 9.38
C SER A 220 9.51 -15.77 9.48
N LEU A 221 9.06 -16.35 8.37
CA LEU A 221 8.07 -15.72 7.52
C LEU A 221 6.85 -15.28 8.34
N ASP A 222 6.58 -15.93 9.47
CA ASP A 222 5.41 -15.53 10.26
C ASP A 222 5.54 -14.21 11.00
N GLU A 223 6.72 -13.60 10.96
CA GLU A 223 6.96 -12.31 11.58
C GLU A 223 6.54 -11.21 10.61
N ILE A 224 6.23 -11.59 9.38
CA ILE A 224 5.90 -10.63 8.36
C ILE A 224 4.44 -10.67 7.93
N ASP A 225 3.81 -9.50 7.99
CA ASP A 225 2.41 -9.37 7.59
C ASP A 225 2.41 -9.17 6.07
N VAL A 226 2.01 -10.19 5.30
CA VAL A 226 1.95 -10.07 3.86
C VAL A 226 0.57 -9.50 3.49
N ALA A 227 0.58 -8.25 3.07
CA ALA A 227 -0.66 -7.53 2.76
C ALA A 227 -0.94 -7.40 1.30
N ALA A 228 -2.11 -7.87 0.89
CA ALA A 228 -2.49 -7.77 -0.50
C ALA A 228 -3.25 -6.47 -0.72
N TYR A 229 -2.68 -5.55 -1.49
CA TYR A 229 -3.35 -4.29 -1.82
C TYR A 229 -4.18 -4.66 -3.05
N THR A 230 -5.46 -4.95 -2.84
CA THR A 230 -6.34 -5.42 -3.91
C THR A 230 -7.25 -4.43 -4.60
N CYS A 231 -7.73 -4.84 -5.78
CA CYS A 231 -8.79 -4.14 -6.49
C CYS A 231 -9.93 -4.99 -5.92
N PHE A 232 -10.88 -4.38 -5.21
CA PHE A 232 -11.88 -5.19 -4.52
C PHE A 232 -13.28 -4.68 -4.83
N SER A 233 -14.22 -5.59 -5.04
CA SER A 233 -15.59 -5.13 -5.31
C SER A 233 -16.60 -6.14 -4.81
N ILE A 234 -17.42 -5.73 -3.84
CA ILE A 234 -18.39 -6.63 -3.27
C ILE A 234 -19.79 -6.01 -3.25
N ASP A 235 -20.79 -6.85 -3.56
CA ASP A 235 -22.18 -6.41 -3.59
C ASP A 235 -23.05 -7.66 -3.47
N LYS A 236 -24.25 -7.53 -2.95
CA LYS A 236 -25.11 -8.71 -2.85
C LYS A 236 -25.45 -9.20 -4.26
N ASP A 237 -25.32 -8.32 -5.24
CA ASP A 237 -25.57 -8.65 -6.65
C ASP A 237 -24.19 -8.83 -7.29
N GLU A 238 -23.77 -10.08 -7.47
CA GLU A 238 -22.46 -10.35 -8.03
C GLU A 238 -22.17 -9.64 -9.34
N ASP A 239 -23.16 -9.55 -10.22
CA ASP A 239 -22.91 -8.87 -11.48
C ASP A 239 -22.58 -7.41 -11.32
N LYS A 240 -23.27 -6.76 -10.39
CA LYS A 240 -23.03 -5.35 -10.12
C LYS A 240 -21.62 -5.17 -9.54
N ALA A 241 -21.22 -6.07 -8.65
CA ALA A 241 -19.87 -6.00 -8.05
C ALA A 241 -18.82 -6.10 -9.16
N ILE A 242 -18.97 -7.10 -10.04
CA ILE A 242 -18.02 -7.31 -11.11
C ILE A 242 -17.92 -6.12 -12.05
N GLU A 243 -19.06 -5.53 -12.39
CA GLU A 243 -19.09 -4.41 -13.29
C GLU A 243 -18.28 -3.24 -12.75
N ALA A 244 -18.40 -2.99 -11.44
CA ALA A 244 -17.71 -1.88 -10.79
C ALA A 244 -16.18 -1.99 -10.88
N THR A 245 -15.66 -3.20 -11.05
CA THR A 245 -14.22 -3.35 -11.15
C THR A 245 -13.62 -2.95 -12.49
N LYS A 246 -14.42 -2.98 -13.56
CA LYS A 246 -13.87 -2.75 -14.90
C LYS A 246 -12.94 -1.58 -15.15
N ILE A 247 -13.35 -0.37 -14.81
CA ILE A 247 -12.46 0.76 -15.05
C ILE A 247 -11.14 0.54 -14.32
N VAL A 248 -11.20 0.07 -13.08
CA VAL A 248 -9.96 -0.14 -12.34
C VAL A 248 -9.12 -1.26 -12.95
N VAL A 249 -9.74 -2.39 -13.31
CA VAL A 249 -8.98 -3.48 -13.90
C VAL A 249 -8.38 -3.04 -15.24
N ALA A 250 -9.13 -2.26 -16.01
CA ALA A 250 -8.63 -1.78 -17.29
C ALA A 250 -7.28 -1.09 -17.08
N PHE A 251 -7.18 -0.22 -16.08
CA PHE A 251 -5.91 0.45 -15.79
C PHE A 251 -4.85 -0.51 -15.29
N ILE A 252 -5.28 -1.52 -14.55
CA ILE A 252 -4.31 -2.50 -14.05
C ILE A 252 -3.74 -3.28 -15.24
N VAL A 253 -4.62 -3.72 -16.14
CA VAL A 253 -4.20 -4.46 -17.32
C VAL A 253 -3.20 -3.61 -18.09
N MET A 254 -3.50 -2.34 -18.26
CA MET A 254 -2.60 -1.45 -18.99
C MET A 254 -1.20 -1.36 -18.40
N GLY A 255 -1.11 -1.22 -17.07
CA GLY A 255 0.18 -1.09 -16.42
C GLY A 255 0.87 -2.37 -15.98
N SER A 256 0.39 -3.52 -16.43
CA SER A 256 1.00 -4.78 -16.02
C SER A 256 2.12 -5.24 -16.95
N PRO A 257 3.30 -5.54 -16.39
CA PRO A 257 4.40 -6.00 -17.23
C PRO A 257 3.95 -7.30 -17.91
N ASP A 258 4.59 -7.65 -19.03
CA ASP A 258 4.19 -8.84 -19.76
C ASP A 258 4.31 -10.16 -19.01
N VAL A 259 5.23 -10.26 -18.06
CA VAL A 259 5.35 -11.49 -17.32
C VAL A 259 4.09 -11.68 -16.46
N VAL A 260 3.51 -10.58 -16.01
CA VAL A 260 2.29 -10.64 -15.20
C VAL A 260 1.13 -11.06 -16.11
N LEU A 261 1.03 -10.47 -17.31
CA LEU A 261 -0.04 -10.83 -18.25
C LEU A 261 0.07 -12.31 -18.61
N GLU A 262 1.30 -12.77 -18.82
CA GLU A 262 1.56 -14.17 -19.16
C GLU A 262 1.12 -15.06 -18.01
N ARG A 263 1.51 -14.68 -16.80
CA ARG A 263 1.15 -15.42 -15.59
C ARG A 263 -0.35 -15.70 -15.48
N HIS A 264 -1.15 -14.72 -15.88
CA HIS A 264 -2.60 -14.83 -15.75
C HIS A 264 -3.29 -15.21 -17.06
N GLY A 265 -2.49 -15.61 -18.04
CA GLY A 265 -3.01 -16.04 -19.33
C GLY A 265 -3.89 -14.99 -19.96
N ILE A 266 -3.47 -13.73 -19.87
CA ILE A 266 -4.25 -12.64 -20.41
C ILE A 266 -4.13 -12.45 -21.92
N ASP A 267 -5.27 -12.15 -22.56
CA ASP A 267 -5.32 -11.91 -24.00
C ASP A 267 -4.46 -10.67 -24.23
N THR A 268 -3.19 -10.87 -24.55
CA THR A 268 -2.27 -9.76 -24.77
C THR A 268 -2.72 -8.86 -25.91
N GLU A 269 -3.69 -9.33 -26.68
CA GLU A 269 -4.22 -8.55 -27.78
C GLU A 269 -5.18 -7.53 -27.18
N LYS A 270 -6.25 -7.99 -26.55
CA LYS A 270 -7.17 -7.04 -25.95
C LYS A 270 -6.59 -6.45 -24.69
N ALA A 271 -5.27 -6.33 -24.72
CA ALA A 271 -4.46 -5.74 -23.65
C ALA A 271 -3.67 -4.74 -24.48
N GLU A 272 -3.33 -3.59 -23.92
CA GLU A 272 -2.59 -2.59 -24.71
C GLU A 272 -3.58 -2.02 -25.71
N GLN A 273 -4.53 -2.85 -26.14
CA GLN A 273 -5.57 -2.43 -27.03
C GLN A 273 -6.42 -1.63 -26.05
N ILE A 274 -6.36 -2.07 -24.79
CA ILE A 274 -7.05 -1.40 -23.69
C ILE A 274 -6.19 -0.17 -23.37
N ALA A 275 -4.88 -0.33 -23.45
CA ALA A 275 -3.94 0.75 -23.16
C ALA A 275 -4.08 1.89 -24.17
N GLU A 276 -4.56 1.54 -25.37
CA GLU A 276 -4.76 2.51 -26.44
C GLU A 276 -6.09 3.22 -26.24
N ALA A 277 -7.05 2.51 -25.65
CA ALA A 277 -8.36 3.10 -25.37
C ALA A 277 -8.12 4.13 -24.26
N ILE A 278 -7.27 3.77 -23.29
CA ILE A 278 -6.91 4.68 -22.21
C ILE A 278 -5.77 5.50 -22.81
N GLY A 279 -5.49 6.68 -22.25
CA GLY A 279 -4.43 7.49 -22.81
C GLY A 279 -5.00 8.22 -24.01
N LYS A 280 -6.06 7.63 -24.57
CA LYS A 280 -6.78 8.19 -25.70
C LYS A 280 -8.00 8.82 -25.09
N GLY A 281 -8.21 8.56 -23.80
CA GLY A 281 -9.34 9.12 -23.10
C GLY A 281 -10.64 8.39 -23.37
N ASP A 282 -10.56 7.27 -24.07
CA ASP A 282 -11.76 6.50 -24.37
C ASP A 282 -11.91 5.34 -23.40
N PHE A 283 -12.40 5.65 -22.19
CA PHE A 283 -12.56 4.64 -21.16
C PHE A 283 -13.75 3.72 -21.43
N GLY A 284 -14.66 4.19 -22.27
CA GLY A 284 -15.84 3.40 -22.61
C GLY A 284 -15.52 2.12 -23.36
N THR A 285 -14.54 2.19 -24.26
CA THR A 285 -14.15 1.00 -25.03
C THR A 285 -13.24 0.17 -24.13
N ALA A 286 -12.52 0.85 -23.24
CA ALA A 286 -11.62 0.20 -22.30
C ALA A 286 -12.40 -0.77 -21.42
N ILE A 287 -13.47 -0.28 -20.82
CA ILE A 287 -14.33 -1.08 -19.95
C ILE A 287 -14.93 -2.25 -20.75
N GLY A 288 -15.36 -1.97 -21.97
CA GLY A 288 -15.95 -3.00 -22.80
C GLY A 288 -15.02 -4.15 -23.12
N LEU A 289 -13.72 -3.87 -23.16
CA LEU A 289 -12.71 -4.89 -23.44
C LEU A 289 -12.33 -5.78 -22.25
N VAL A 290 -12.54 -5.30 -21.02
CA VAL A 290 -12.19 -6.09 -19.83
C VAL A 290 -13.00 -7.39 -19.80
N ASP A 291 -12.31 -8.53 -19.84
CA ASP A 291 -13.03 -9.81 -19.82
C ASP A 291 -12.94 -10.55 -18.49
N GLU A 292 -13.53 -11.74 -18.44
CA GLU A 292 -13.54 -12.47 -17.19
C GLU A 292 -12.18 -12.88 -16.67
N ASP A 293 -11.24 -13.17 -17.56
CA ASP A 293 -9.93 -13.59 -17.08
C ASP A 293 -9.17 -12.43 -16.44
N MET A 294 -9.35 -11.22 -16.98
CA MET A 294 -8.68 -10.05 -16.41
C MET A 294 -9.28 -9.73 -15.03
N ILE A 295 -10.60 -9.86 -14.92
CA ILE A 295 -11.27 -9.60 -13.66
C ILE A 295 -10.83 -10.63 -12.62
N GLU A 296 -10.69 -11.90 -13.02
N GLU A 296 -10.68 -11.87 -13.06
CA GLU A 296 -10.25 -12.95 -12.10
CA GLU A 296 -10.26 -12.97 -12.21
C GLU A 296 -8.78 -12.73 -11.72
C GLU A 296 -8.81 -12.78 -11.76
N ALA A 297 -7.99 -12.25 -12.65
CA ALA A 297 -6.60 -12.07 -12.37
C ALA A 297 -6.28 -10.85 -11.51
N PHE A 298 -7.01 -9.76 -11.76
CA PHE A 298 -6.66 -8.51 -11.11
C PHE A 298 -7.60 -7.89 -10.11
N SER A 299 -8.55 -8.66 -9.60
CA SER A 299 -9.48 -8.12 -8.61
C SER A 299 -10.07 -9.27 -7.83
N ILE A 300 -10.69 -8.93 -6.72
CA ILE A 300 -11.44 -9.88 -5.90
C ILE A 300 -12.82 -9.25 -6.05
N ALA A 301 -13.67 -9.87 -6.85
CA ALA A 301 -15.00 -9.32 -7.07
C ALA A 301 -16.16 -10.32 -7.05
N GLY A 302 -17.31 -9.89 -6.54
CA GLY A 302 -18.48 -10.75 -6.51
C GLY A 302 -19.33 -10.61 -5.29
N ASP A 303 -20.21 -11.58 -5.02
CA ASP A 303 -21.04 -11.51 -3.82
C ASP A 303 -20.22 -12.04 -2.67
N PRO A 304 -20.72 -11.91 -1.43
CA PRO A 304 -19.97 -12.41 -0.27
C PRO A 304 -19.45 -13.84 -0.40
N ASP A 305 -20.24 -14.73 -0.98
CA ASP A 305 -19.75 -16.09 -1.08
C ASP A 305 -18.52 -16.23 -1.96
N THR A 306 -18.54 -15.57 -3.10
CA THR A 306 -17.45 -15.56 -4.05
C THR A 306 -16.22 -14.92 -3.42
N VAL A 307 -16.45 -13.79 -2.76
CA VAL A 307 -15.34 -13.09 -2.12
C VAL A 307 -14.69 -13.91 -1.04
N VAL A 308 -15.50 -14.57 -0.22
CA VAL A 308 -14.95 -15.39 0.84
C VAL A 308 -14.10 -16.51 0.21
N ASP A 309 -14.61 -17.14 -0.85
CA ASP A 309 -13.85 -18.21 -1.51
C ASP A 309 -12.50 -17.71 -2.04
N LYS A 310 -12.50 -16.53 -2.64
CA LYS A 310 -11.27 -15.94 -3.17
C LYS A 310 -10.29 -15.60 -2.05
N ILE A 311 -10.78 -15.05 -0.95
CA ILE A 311 -9.86 -14.75 0.16
C ILE A 311 -9.27 -16.05 0.72
N GLU A 312 -10.08 -17.11 0.84
CA GLU A 312 -9.50 -18.36 1.34
C GLU A 312 -8.28 -18.77 0.50
N GLU A 313 -8.36 -18.64 -0.82
CA GLU A 313 -7.24 -19.02 -1.68
C GLU A 313 -6.04 -18.09 -1.51
N LEU A 314 -6.30 -16.80 -1.29
CA LEU A 314 -5.19 -15.87 -1.05
C LEU A 314 -4.48 -16.22 0.23
N LEU A 315 -5.25 -16.53 1.29
CA LEU A 315 -4.66 -16.87 2.57
C LEU A 315 -3.79 -18.14 2.40
N LYS A 316 -4.25 -19.09 1.59
CA LYS A 316 -3.45 -20.31 1.36
C LYS A 316 -2.13 -19.98 0.68
N ALA A 317 -2.12 -18.91 -0.12
CA ALA A 317 -0.93 -18.46 -0.84
C ALA A 317 0.00 -17.58 0.02
N GLY A 318 -0.36 -17.38 1.30
CA GLY A 318 0.50 -16.63 2.21
C GLY A 318 0.07 -15.23 2.59
N VAL A 319 -1.04 -14.77 2.02
CA VAL A 319 -1.54 -13.42 2.39
C VAL A 319 -2.05 -13.46 3.84
N THR A 320 -1.75 -12.42 4.64
CA THR A 320 -2.24 -12.37 6.00
C THR A 320 -3.07 -11.10 6.25
N GLN A 321 -2.92 -10.08 5.40
CA GLN A 321 -3.75 -8.86 5.54
C GLN A 321 -4.39 -8.62 4.18
N VAL A 322 -5.73 -8.64 4.13
CA VAL A 322 -6.41 -8.40 2.87
C VAL A 322 -6.79 -6.92 2.85
N VAL A 323 -6.20 -6.14 1.93
CA VAL A 323 -6.52 -4.71 1.90
C VAL A 323 -7.53 -4.47 0.81
N VAL A 324 -8.70 -4.03 1.23
CA VAL A 324 -9.79 -3.74 0.31
C VAL A 324 -9.50 -2.40 -0.32
N GLY A 325 -9.32 -2.38 -1.64
CA GLY A 325 -9.04 -1.15 -2.36
C GLY A 325 -10.03 -0.90 -3.46
N SER A 326 -9.86 0.25 -4.11
CA SER A 326 -10.75 0.70 -5.17
C SER A 326 -11.16 -0.43 -6.11
N PRO A 327 -12.45 -0.49 -6.50
CA PRO A 327 -13.54 0.43 -6.13
C PRO A 327 -14.18 0.24 -4.76
N ILE A 328 -13.87 -0.89 -4.12
CA ILE A 328 -14.41 -1.35 -2.85
C ILE A 328 -15.78 -1.99 -3.09
N GLY A 329 -16.63 -1.29 -3.84
CA GLY A 329 -17.93 -1.83 -4.18
C GLY A 329 -18.70 -0.72 -4.88
N PRO A 330 -19.83 -1.05 -5.50
CA PRO A 330 -20.65 -0.05 -6.19
C PRO A 330 -20.95 1.15 -5.26
N ASP A 331 -21.23 0.86 -3.98
CA ASP A 331 -21.52 1.86 -2.93
C ASP A 331 -20.44 1.52 -1.90
N LYS A 332 -19.44 2.39 -1.74
CA LYS A 332 -18.32 2.12 -0.81
C LYS A 332 -18.75 1.83 0.62
N GLU A 333 -19.64 2.65 1.18
CA GLU A 333 -20.07 2.40 2.54
C GLU A 333 -20.83 1.08 2.69
N LYS A 334 -21.78 0.79 1.80
CA LYS A 334 -22.53 -0.46 1.89
C LYS A 334 -21.58 -1.64 1.69
N ALA A 335 -20.57 -1.44 0.85
CA ALA A 335 -19.57 -2.50 0.56
C ALA A 335 -18.74 -2.81 1.81
N ILE A 336 -18.30 -1.76 2.50
CA ILE A 336 -17.56 -1.99 3.72
C ILE A 336 -18.38 -2.76 4.73
N GLU A 337 -19.66 -2.39 4.86
CA GLU A 337 -20.54 -3.06 5.80
C GLU A 337 -20.77 -4.52 5.40
N LEU A 338 -20.87 -4.76 4.10
CA LEU A 338 -21.09 -6.13 3.61
C LEU A 338 -19.84 -6.96 3.96
N VAL A 339 -18.65 -6.37 3.84
CA VAL A 339 -17.44 -7.10 4.26
C VAL A 339 -17.48 -7.37 5.79
N GLY A 340 -17.84 -6.36 6.60
CA GLY A 340 -17.85 -6.59 8.03
C GLY A 340 -18.91 -7.61 8.46
N GLN A 341 -20.05 -7.63 7.79
CA GLN A 341 -21.14 -8.54 8.14
C GLN A 341 -21.07 -9.94 7.53
N GLU A 342 -20.59 -10.06 6.30
CA GLU A 342 -20.61 -11.39 5.65
C GLU A 342 -19.28 -11.95 5.17
N VAL A 343 -18.18 -11.24 5.44
CA VAL A 343 -16.88 -11.74 5.03
C VAL A 343 -15.97 -11.93 6.22
N ILE A 344 -15.68 -10.84 6.95
CA ILE A 344 -14.79 -10.94 8.10
C ILE A 344 -15.14 -12.01 9.14
N PRO A 345 -16.44 -12.17 9.50
CA PRO A 345 -16.81 -13.20 10.48
C PRO A 345 -16.38 -14.63 10.09
N HIS A 346 -16.19 -14.87 8.80
CA HIS A 346 -15.77 -16.19 8.31
C HIS A 346 -14.29 -16.41 8.54
N PHE A 347 -13.58 -15.35 8.91
CA PHE A 347 -12.16 -15.46 9.13
C PHE A 347 -11.78 -15.03 10.54
N LYS A 348 -12.68 -14.31 11.22
CA LYS A 348 -12.49 -13.80 12.58
C LYS A 348 -11.04 -13.43 12.88
MG MG B . -10.16 8.76 18.78
CL CL C . 4.10 16.89 4.96
#